data_5LBU
#
_entry.id   5LBU
#
_cell.length_a   57.694
_cell.length_b   80.853
_cell.length_c   106.016
_cell.angle_alpha   90.00
_cell.angle_beta   90.00
_cell.angle_gamma   90.00
#
_symmetry.space_group_name_H-M   'P 21 21 21'
#
loop_
_entity.id
_entity.type
_entity.pdbx_description
1 polymer 'Ribosyldihydronicotinamide dehydrogenase [quinone]'
2 non-polymer 'ZINC ION'
3 non-polymer 'FLAVIN-ADENINE DINUCLEOTIDE'
4 non-polymer 'SULFATE ION'
5 non-polymer 2-(ethoxymethyl)-1H-imidazo[4,5-c]quinolin-4-amine
6 water water
#
_entity_poly.entity_id   1
_entity_poly.type   'polypeptide(L)'
_entity_poly.pdbx_seq_one_letter_code
;MAGKKVLIVYAHQEPKSFNGSLKNVAVDELSRQGCTVTVSDLYAMNLEPRATDKDITGTLSNPEVFNYGVETHEAYKQRS
LASDITDEQKKVREADLVIFQFPLYWFSVPAILKGWMDRVLCQGFAFDIPGFYDSGLLQGKLALLSVTTGGTAEMYTKTG
VNGDSRYFLWPLQHGTLHFCGFKVLAPQISFAPEIASEEERKGMVAAWSQRLQTIWKEEPIPCTAHWHFGQHHHHHH
;
_entity_poly.pdbx_strand_id   A,B
#
# COMPACT_ATOMS: atom_id res chain seq x y z
N GLY A 3 -16.20 -27.43 -11.17
CA GLY A 3 -15.00 -27.52 -10.27
C GLY A 3 -14.13 -26.27 -10.29
N LYS A 4 -14.42 -25.34 -9.38
CA LYS A 4 -13.73 -24.06 -9.29
C LYS A 4 -12.69 -24.02 -8.17
N LYS A 5 -11.63 -23.27 -8.40
CA LYS A 5 -10.51 -23.15 -7.46
C LYS A 5 -10.45 -21.73 -6.91
N VAL A 6 -10.32 -21.64 -5.60
CA VAL A 6 -10.29 -20.35 -4.89
C VAL A 6 -9.01 -20.23 -4.08
N LEU A 7 -8.36 -19.07 -4.18
CA LEU A 7 -7.24 -18.72 -3.31
C LEU A 7 -7.71 -17.56 -2.45
N ILE A 8 -7.55 -17.70 -1.14
CA ILE A 8 -7.79 -16.62 -0.20
C ILE A 8 -6.42 -16.16 0.28
N VAL A 9 -6.08 -14.90 -0.03
CA VAL A 9 -4.87 -14.26 0.47
C VAL A 9 -5.30 -13.46 1.68
N TYR A 10 -4.86 -13.92 2.86
CA TYR A 10 -5.38 -13.48 4.15
C TYR A 10 -4.29 -12.76 4.96
N ALA A 11 -4.59 -11.55 5.45
CA ALA A 11 -3.60 -10.70 6.11
C ALA A 11 -4.14 -10.17 7.43
N HIS A 12 -4.14 -11.04 8.44
CA HIS A 12 -4.47 -10.65 9.79
C HIS A 12 -3.65 -11.49 10.78
N GLN A 13 -3.17 -10.83 11.83
CA GLN A 13 -2.36 -11.47 12.86
C GLN A 13 -3.07 -12.42 13.82
N GLU A 14 -4.35 -12.18 14.06
CA GLU A 14 -5.12 -12.92 15.02
C GLU A 14 -6.22 -13.80 14.44
N PRO A 15 -6.19 -15.11 14.70
CA PRO A 15 -7.24 -15.96 14.08
C PRO A 15 -8.62 -15.76 14.67
N LYS A 16 -8.71 -15.22 15.88
CA LYS A 16 -9.99 -14.90 16.53
C LYS A 16 -10.57 -13.53 16.13
N SER A 17 -9.87 -12.81 15.27
CA SER A 17 -10.31 -11.50 14.82
C SER A 17 -11.53 -11.61 13.92
N PHE A 18 -12.15 -10.46 13.67
CA PHE A 18 -13.24 -10.39 12.71
C PHE A 18 -12.77 -10.81 11.33
N ASN A 19 -11.58 -10.37 10.93
CA ASN A 19 -10.97 -10.83 9.68
C ASN A 19 -10.80 -12.35 9.67
N GLY A 20 -10.29 -12.90 10.77
CA GLY A 20 -10.17 -14.36 10.92
C GLY A 20 -11.48 -15.10 10.72
N SER A 21 -12.55 -14.54 11.32
CA SER A 21 -13.90 -15.07 11.16
C SER A 21 -14.39 -15.02 9.72
N LEU A 22 -14.11 -13.93 9.02
CA LEU A 22 -14.52 -13.81 7.62
C LEU A 22 -13.72 -14.78 6.75
N LYS A 23 -12.46 -14.97 7.08
CA LYS A 23 -11.64 -15.96 6.38
C LYS A 23 -12.25 -17.36 6.54
N ASN A 24 -12.57 -17.71 7.78
CA ASN A 24 -13.08 -19.06 8.08
C ASN A 24 -14.44 -19.30 7.43
N VAL A 25 -15.31 -18.29 7.43
CA VAL A 25 -16.62 -18.38 6.77
C VAL A 25 -16.45 -18.63 5.29
N ALA A 26 -15.50 -17.96 4.66
CA ALA A 26 -15.20 -18.18 3.25
C ALA A 26 -14.71 -19.60 2.97
N VAL A 27 -13.77 -20.09 3.79
CA VAL A 27 -13.27 -21.45 3.63
C VAL A 27 -14.41 -22.45 3.83
N ASP A 28 -15.19 -22.28 4.89
CA ASP A 28 -16.30 -23.19 5.18
C ASP A 28 -17.31 -23.24 4.02
N GLU A 29 -17.74 -22.08 3.56
CA GLU A 29 -18.79 -22.03 2.52
C GLU A 29 -18.27 -22.55 1.16
N LEU A 30 -17.07 -22.12 0.77
CA LEU A 30 -16.51 -22.57 -0.51
C LEU A 30 -16.15 -24.07 -0.44
N SER A 31 -15.66 -24.54 0.71
CA SER A 31 -15.41 -25.98 0.92
C SER A 31 -16.72 -26.79 0.78
N ARG A 32 -17.78 -26.29 1.41
N ARG A 32 -17.79 -26.31 1.42
CA ARG A 32 -19.10 -26.93 1.39
CA ARG A 32 -19.11 -26.94 1.37
C ARG A 32 -19.67 -27.04 -0.04
C ARG A 32 -19.67 -27.05 -0.05
N GLN A 33 -19.47 -26.02 -0.86
CA GLN A 33 -19.83 -26.05 -2.27
C GLN A 33 -19.09 -27.05 -3.13
N GLY A 34 -17.94 -27.52 -2.65
CA GLY A 34 -17.10 -28.45 -3.38
C GLY A 34 -15.95 -27.78 -4.09
N CYS A 35 -15.73 -26.49 -3.82
CA CYS A 35 -14.62 -25.77 -4.45
C CYS A 35 -13.29 -26.26 -3.89
N THR A 36 -12.23 -26.13 -4.69
CA THR A 36 -10.88 -26.35 -4.24
C THR A 36 -10.43 -25.05 -3.57
N VAL A 37 -10.05 -25.13 -2.30
CA VAL A 37 -9.73 -23.94 -1.51
C VAL A 37 -8.30 -23.98 -0.99
N THR A 38 -7.56 -22.88 -1.18
CA THR A 38 -6.22 -22.71 -0.65
C THR A 38 -6.17 -21.36 0.07
N VAL A 39 -5.46 -21.27 1.18
CA VAL A 39 -5.34 -20.02 1.93
C VAL A 39 -3.86 -19.74 2.11
N SER A 40 -3.44 -18.53 1.70
CA SER A 40 -2.12 -18.00 2.04
C SER A 40 -2.28 -17.08 3.23
N ASP A 41 -1.96 -17.61 4.42
CA ASP A 41 -2.02 -16.87 5.66
C ASP A 41 -0.69 -16.13 5.83
N LEU A 42 -0.64 -14.89 5.35
CA LEU A 42 0.62 -14.19 5.19
C LEU A 42 1.43 -13.98 6.48
N TYR A 43 0.77 -13.65 7.59
CA TYR A 43 1.48 -13.50 8.85
C TYR A 43 1.99 -14.84 9.39
N ALA A 44 1.18 -15.90 9.29
CA ALA A 44 1.60 -17.23 9.74
C ALA A 44 2.78 -17.76 8.88
N MET A 45 2.76 -17.44 7.58
CA MET A 45 3.88 -17.73 6.67
C MET A 45 5.12 -16.84 6.90
N ASN A 46 4.97 -15.79 7.70
CA ASN A 46 5.95 -14.70 7.83
C ASN A 46 6.45 -14.24 6.47
N LEU A 47 5.51 -14.00 5.56
CA LEU A 47 5.84 -13.65 4.17
C LEU A 47 6.78 -12.46 4.13
N GLU A 48 7.85 -12.61 3.35
CA GLU A 48 8.79 -11.52 3.07
C GLU A 48 8.08 -10.42 2.29
N PRO A 49 8.02 -9.19 2.84
CA PRO A 49 7.34 -8.15 2.04
C PRO A 49 8.24 -7.29 1.18
N ARG A 50 9.55 -7.30 1.46
CA ARG A 50 10.49 -6.38 0.86
C ARG A 50 10.90 -6.92 -0.51
N ALA A 51 10.91 -6.03 -1.49
CA ALA A 51 11.34 -6.36 -2.84
C ALA A 51 12.87 -6.21 -2.88
N THR A 52 13.59 -7.33 -2.85
CA THR A 52 15.07 -7.31 -2.83
C THR A 52 15.68 -8.33 -3.79
N ASP A 53 17.00 -8.24 -3.95
CA ASP A 53 17.72 -9.17 -4.84
C ASP A 53 17.76 -10.62 -4.34
N LYS A 54 17.35 -10.85 -3.09
CA LYS A 54 17.11 -12.20 -2.61
C LYS A 54 15.94 -12.89 -3.32
N ASP A 55 15.11 -12.13 -4.05
CA ASP A 55 13.98 -12.69 -4.80
C ASP A 55 14.38 -13.40 -6.09
N ILE A 56 15.61 -13.16 -6.54
CA ILE A 56 16.21 -13.86 -7.68
C ILE A 56 17.24 -14.83 -7.11
N THR A 57 17.08 -16.12 -7.44
CA THR A 57 18.04 -17.13 -7.04
C THR A 57 19.21 -17.10 -8.01
N GLY A 58 20.43 -17.27 -7.50
CA GLY A 58 21.63 -17.24 -8.33
C GLY A 58 21.99 -15.86 -8.83
N THR A 59 22.73 -15.83 -9.93
CA THR A 59 23.36 -14.60 -10.42
C THR A 59 22.36 -13.72 -11.18
N LEU A 60 22.61 -12.41 -11.10
CA LEU A 60 21.73 -11.40 -11.65
C LEU A 60 22.09 -11.06 -13.09
N SER A 61 21.12 -10.52 -13.82
CA SER A 61 21.33 -10.01 -15.17
C SER A 61 22.37 -8.89 -15.14
N ASN A 62 22.14 -7.88 -14.30
CA ASN A 62 23.09 -6.80 -14.07
C ASN A 62 23.37 -6.68 -12.56
N PRO A 63 24.44 -7.33 -12.07
CA PRO A 63 24.77 -7.23 -10.64
C PRO A 63 25.40 -5.88 -10.21
N GLU A 64 25.75 -5.03 -11.16
CA GLU A 64 26.34 -3.71 -10.85
C GLU A 64 25.26 -2.73 -10.40
N VAL A 65 24.18 -2.67 -11.18
CA VAL A 65 23.07 -1.75 -10.94
C VAL A 65 21.78 -2.57 -10.88
N PHE A 66 21.28 -2.77 -9.65
CA PHE A 66 20.10 -3.61 -9.42
C PHE A 66 18.77 -2.91 -9.76
N ASN A 67 18.06 -3.49 -10.72
CA ASN A 67 16.74 -3.02 -11.12
C ASN A 67 15.75 -4.16 -10.78
N TYR A 68 14.95 -3.97 -9.73
CA TYR A 68 14.04 -5.03 -9.24
C TYR A 68 13.10 -5.53 -10.34
N GLY A 69 12.50 -4.60 -11.07
CA GLY A 69 11.57 -4.92 -12.16
C GLY A 69 12.20 -5.79 -13.21
N VAL A 70 13.33 -5.33 -13.73
CA VAL A 70 14.04 -6.03 -14.81
C VAL A 70 14.50 -7.40 -14.35
N GLU A 71 15.10 -7.47 -13.16
CA GLU A 71 15.66 -8.72 -12.65
C GLU A 71 14.58 -9.77 -12.35
N THR A 72 13.43 -9.35 -11.81
CA THR A 72 12.35 -10.32 -11.54
C THR A 72 11.67 -10.81 -12.82
N HIS A 73 11.52 -9.93 -13.81
CA HIS A 73 11.02 -10.33 -15.13
C HIS A 73 11.90 -11.40 -15.76
N GLU A 74 13.21 -11.19 -15.72
CA GLU A 74 14.17 -12.17 -16.25
C GLU A 74 14.17 -13.44 -15.45
N ALA A 75 14.14 -13.31 -14.13
CA ALA A 75 14.08 -14.45 -13.25
C ALA A 75 12.83 -15.29 -13.47
N TYR A 76 11.70 -14.62 -13.75
CA TYR A 76 10.47 -15.34 -14.07
C TYR A 76 10.66 -16.20 -15.34
N LYS A 77 11.18 -15.58 -16.40
CA LYS A 77 11.46 -16.29 -17.66
C LYS A 77 12.49 -17.43 -17.51
N GLN A 78 13.47 -17.26 -16.64
CA GLN A 78 14.51 -18.27 -16.38
C GLN A 78 14.16 -19.26 -15.26
N ARG A 79 12.97 -19.13 -14.67
CA ARG A 79 12.51 -19.98 -13.58
C ARG A 79 13.44 -19.94 -12.34
N SER A 80 13.98 -18.75 -12.07
CA SER A 80 14.92 -18.55 -10.95
C SER A 80 14.41 -17.51 -9.94
N LEU A 81 13.10 -17.45 -9.74
CA LEU A 81 12.53 -16.66 -8.63
C LEU A 81 12.57 -17.48 -7.36
N ALA A 82 12.63 -16.79 -6.22
CA ALA A 82 12.58 -17.45 -4.91
C ALA A 82 11.33 -18.34 -4.80
N SER A 83 11.46 -19.42 -4.03
CA SER A 83 10.40 -20.42 -3.93
C SER A 83 9.13 -19.87 -3.26
N ASP A 84 9.25 -18.90 -2.36
CA ASP A 84 8.06 -18.28 -1.76
C ASP A 84 7.21 -17.58 -2.84
N ILE A 85 7.86 -16.84 -3.73
CA ILE A 85 7.18 -16.20 -4.86
C ILE A 85 6.56 -17.22 -5.80
N THR A 86 7.34 -18.21 -6.24
CA THR A 86 6.83 -19.18 -7.21
C THR A 86 5.74 -20.05 -6.62
N ASP A 87 5.82 -20.34 -5.32
CA ASP A 87 4.73 -21.05 -4.65
C ASP A 87 3.42 -20.25 -4.71
N GLU A 88 3.49 -18.94 -4.50
CA GLU A 88 2.28 -18.11 -4.61
C GLU A 88 1.77 -18.04 -6.04
N GLN A 89 2.69 -17.94 -7.02
CA GLN A 89 2.29 -17.85 -8.42
C GLN A 89 1.54 -19.11 -8.88
N LYS A 90 1.99 -20.28 -8.45
CA LYS A 90 1.27 -21.54 -8.73
C LYS A 90 -0.17 -21.48 -8.21
N LYS A 91 -0.35 -20.99 -6.98
CA LYS A 91 -1.69 -20.89 -6.38
C LYS A 91 -2.57 -19.91 -7.17
N VAL A 92 -2.00 -18.80 -7.63
CA VAL A 92 -2.73 -17.82 -8.44
C VAL A 92 -3.05 -18.37 -9.82
N ARG A 93 -2.07 -19.00 -10.47
CA ARG A 93 -2.22 -19.57 -11.82
C ARG A 93 -3.41 -20.53 -11.90
N GLU A 94 -3.56 -21.36 -10.87
CA GLU A 94 -4.64 -22.35 -10.80
C GLU A 94 -5.99 -21.79 -10.37
N ALA A 95 -5.98 -20.68 -9.64
CA ALA A 95 -7.21 -20.11 -9.09
C ALA A 95 -8.11 -19.49 -10.17
N ASP A 96 -9.41 -19.74 -10.03
CA ASP A 96 -10.45 -19.06 -10.81
C ASP A 96 -10.90 -17.77 -10.12
N LEU A 97 -10.82 -17.75 -8.79
CA LEU A 97 -11.16 -16.59 -7.98
C LEU A 97 -10.06 -16.37 -6.94
N VAL A 98 -9.63 -15.12 -6.77
CA VAL A 98 -8.73 -14.77 -5.65
C VAL A 98 -9.45 -13.78 -4.75
N ILE A 99 -9.65 -14.17 -3.50
CA ILE A 99 -10.23 -13.31 -2.48
C ILE A 99 -9.10 -12.75 -1.62
N PHE A 100 -9.07 -11.43 -1.42
CA PHE A 100 -8.13 -10.81 -0.47
C PHE A 100 -8.90 -10.45 0.77
N GLN A 101 -8.47 -10.94 1.93
CA GLN A 101 -9.14 -10.69 3.18
C GLN A 101 -8.20 -9.91 4.09
N PHE A 102 -8.58 -8.68 4.44
CA PHE A 102 -7.67 -7.80 5.18
C PHE A 102 -8.37 -6.63 5.85
N PRO A 103 -7.78 -6.13 6.93
CA PRO A 103 -8.18 -4.86 7.49
C PRO A 103 -7.55 -3.71 6.72
N LEU A 104 -8.31 -2.63 6.56
CA LEU A 104 -7.81 -1.43 5.90
C LEU A 104 -6.73 -0.79 6.76
N TYR A 105 -5.54 -0.63 6.17
CA TYR A 105 -4.43 0.08 6.81
C TYR A 105 -4.09 1.27 5.93
N TRP A 106 -4.28 2.46 6.45
CA TRP A 106 -3.94 3.70 5.75
C TRP A 106 -4.54 3.74 4.33
N PHE A 107 -5.86 3.53 4.27
CA PHE A 107 -6.61 3.57 3.01
C PHE A 107 -6.10 2.54 1.99
N SER A 108 -5.50 1.45 2.47
CA SER A 108 -4.85 0.50 1.58
C SER A 108 -4.73 -0.85 2.29
N VAL A 109 -3.91 -1.73 1.73
CA VAL A 109 -3.64 -3.02 2.34
C VAL A 109 -2.53 -2.93 3.41
N PRO A 110 -2.56 -3.80 4.42
CA PRO A 110 -1.39 -3.94 5.28
C PRO A 110 -0.11 -4.22 4.50
N ALA A 111 1.01 -3.74 5.00
CA ALA A 111 2.28 -3.89 4.27
C ALA A 111 2.63 -5.32 3.84
N ILE A 112 2.31 -6.31 4.66
CA ILE A 112 2.62 -7.70 4.32
C ILE A 112 1.89 -8.13 3.05
N LEU A 113 0.64 -7.69 2.90
CA LEU A 113 -0.16 -7.96 1.71
C LEU A 113 0.34 -7.10 0.55
N LYS A 114 0.72 -5.86 0.82
CA LYS A 114 1.33 -5.05 -0.22
C LYS A 114 2.58 -5.76 -0.76
N GLY A 115 3.35 -6.38 0.12
CA GLY A 115 4.53 -7.16 -0.27
C GLY A 115 4.20 -8.35 -1.17
N TRP A 116 3.12 -9.05 -0.84
CA TRP A 116 2.60 -10.12 -1.70
C TRP A 116 2.33 -9.59 -3.10
N MET A 117 1.63 -8.45 -3.19
CA MET A 117 1.31 -7.87 -4.48
CA MET A 117 1.30 -7.85 -4.48
C MET A 117 2.58 -7.48 -5.24
N ASP A 118 3.50 -6.81 -4.52
CA ASP A 118 4.74 -6.34 -5.13
C ASP A 118 5.61 -7.47 -5.68
N ARG A 119 5.69 -8.57 -4.93
CA ARG A 119 6.63 -9.66 -5.23
C ARG A 119 6.03 -10.79 -6.08
N VAL A 120 4.74 -11.07 -5.89
CA VAL A 120 4.09 -12.16 -6.62
C VAL A 120 3.69 -11.75 -8.03
N LEU A 121 3.13 -10.55 -8.18
CA LEU A 121 2.57 -10.12 -9.46
C LEU A 121 3.67 -9.50 -10.34
N CYS A 122 4.67 -10.30 -10.71
CA CYS A 122 5.80 -9.79 -11.49
C CYS A 122 5.53 -9.80 -12.99
N GLN A 123 6.30 -8.99 -13.73
CA GLN A 123 6.21 -8.93 -15.20
C GLN A 123 6.55 -10.31 -15.75
N GLY A 124 5.84 -10.72 -16.79
CA GLY A 124 5.91 -12.09 -17.32
C GLY A 124 4.88 -13.04 -16.69
N PHE A 125 4.56 -12.85 -15.42
CA PHE A 125 3.54 -13.67 -14.75
C PHE A 125 2.16 -13.01 -14.74
N ALA A 126 2.08 -11.80 -14.22
CA ALA A 126 0.78 -11.11 -14.04
C ALA A 126 0.46 -10.15 -15.17
N PHE A 127 1.46 -9.58 -15.79
CA PHE A 127 1.29 -8.65 -16.89
C PHE A 127 2.55 -8.68 -17.75
N ASP A 128 2.47 -8.02 -18.89
CA ASP A 128 3.61 -7.80 -19.77
C ASP A 128 3.28 -6.56 -20.62
N ILE A 129 4.21 -6.14 -21.47
CA ILE A 129 3.96 -5.14 -22.51
C ILE A 129 4.06 -5.87 -23.85
N PRO A 130 2.96 -6.11 -24.55
CA PRO A 130 1.61 -5.74 -24.15
C PRO A 130 1.09 -6.77 -23.16
N GLY A 131 -0.09 -6.57 -22.59
CA GLY A 131 -0.56 -7.56 -21.64
C GLY A 131 -0.96 -6.98 -20.30
N PHE A 132 -1.70 -5.89 -20.33
CA PHE A 132 -2.18 -5.22 -19.11
C PHE A 132 -3.63 -4.78 -19.25
N TYR A 133 -4.23 -4.33 -18.15
CA TYR A 133 -5.68 -4.06 -18.05
C TYR A 133 -6.47 -5.24 -18.62
N ASP A 134 -7.41 -5.06 -19.54
CA ASP A 134 -8.22 -6.19 -20.04
C ASP A 134 -7.39 -7.32 -20.66
N SER A 135 -6.21 -6.99 -21.21
CA SER A 135 -5.31 -7.98 -21.81
CA SER A 135 -5.29 -7.97 -21.82
C SER A 135 -4.23 -8.48 -20.84
N GLY A 136 -4.38 -8.19 -19.54
CA GLY A 136 -3.48 -8.72 -18.52
C GLY A 136 -3.36 -10.24 -18.55
N LEU A 137 -2.25 -10.74 -18.03
CA LEU A 137 -1.96 -12.18 -18.15
C LEU A 137 -2.81 -13.07 -17.24
N LEU A 138 -3.50 -12.48 -16.27
CA LEU A 138 -4.45 -13.23 -15.45
C LEU A 138 -5.91 -13.02 -15.92
N GLN A 139 -6.10 -12.55 -17.16
CA GLN A 139 -7.45 -12.28 -17.69
C GLN A 139 -8.39 -13.48 -17.56
N GLY A 140 -9.65 -13.19 -17.25
CA GLY A 140 -10.64 -14.24 -17.00
C GLY A 140 -10.81 -14.60 -15.55
N LYS A 141 -9.73 -14.53 -14.75
CA LYS A 141 -9.82 -14.80 -13.31
C LYS A 141 -10.61 -13.71 -12.64
N LEU A 142 -11.25 -14.05 -11.53
CA LEU A 142 -12.03 -13.11 -10.72
C LEU A 142 -11.20 -12.74 -9.52
N ALA A 143 -11.36 -11.51 -9.04
CA ALA A 143 -10.73 -11.08 -7.80
C ALA A 143 -11.76 -10.30 -6.97
N LEU A 144 -11.59 -10.36 -5.66
CA LEU A 144 -12.54 -9.75 -4.74
C LEU A 144 -11.79 -9.23 -3.53
N LEU A 145 -12.01 -7.96 -3.19
CA LEU A 145 -11.47 -7.40 -1.94
C LEU A 145 -12.50 -7.50 -0.83
N SER A 146 -12.20 -8.26 0.22
CA SER A 146 -13.01 -8.32 1.43
C SER A 146 -12.23 -7.56 2.48
N VAL A 147 -12.71 -6.34 2.76
CA VAL A 147 -11.95 -5.40 3.58
CA VAL A 147 -11.98 -5.35 3.56
C VAL A 147 -12.79 -5.00 4.79
N THR A 148 -12.14 -4.88 5.94
CA THR A 148 -12.79 -4.38 7.16
C THR A 148 -12.22 -2.99 7.45
N THR A 149 -12.99 -2.12 8.08
CA THR A 149 -12.54 -0.74 8.35
C THR A 149 -12.71 -0.37 9.81
N GLY A 150 -11.99 0.67 10.22
CA GLY A 150 -12.25 1.34 11.49
C GLY A 150 -13.45 2.26 11.38
N GLY A 151 -13.54 2.97 10.25
CA GLY A 151 -14.63 3.93 10.01
C GLY A 151 -15.97 3.31 9.64
N THR A 152 -17.06 3.99 10.03
CA THR A 152 -18.40 3.51 9.76
C THR A 152 -18.79 3.89 8.32
N ALA A 153 -19.86 3.29 7.80
CA ALA A 153 -20.27 3.50 6.41
C ALA A 153 -20.58 4.97 6.13
N GLU A 154 -21.27 5.62 7.07
CA GLU A 154 -21.64 7.03 6.94
C GLU A 154 -20.43 7.98 6.89
N MET A 155 -19.29 7.55 7.41
CA MET A 155 -18.02 8.31 7.28
C MET A 155 -17.35 8.18 5.92
N TYR A 156 -17.66 7.10 5.20
CA TYR A 156 -17.08 6.82 3.89
C TYR A 156 -18.05 7.22 2.77
N THR A 157 -18.54 8.46 2.84
CA THR A 157 -19.41 9.04 1.80
C THR A 157 -18.68 10.19 1.11
N LYS A 158 -19.19 10.55 -0.07
CA LYS A 158 -18.72 11.70 -0.84
C LYS A 158 -18.62 12.99 0.00
N THR A 159 -19.61 13.21 0.87
CA THR A 159 -19.64 14.43 1.72
C THR A 159 -18.83 14.33 3.02
N GLY A 160 -18.56 13.11 3.51
CA GLY A 160 -17.75 12.90 4.72
C GLY A 160 -16.26 13.20 4.59
N VAL A 161 -15.59 13.39 5.72
CA VAL A 161 -14.14 13.68 5.76
C VAL A 161 -13.27 12.66 5.02
N ASN A 162 -13.61 11.39 5.16
CA ASN A 162 -12.81 10.32 4.54
C ASN A 162 -13.00 10.18 3.04
N GLY A 163 -14.09 10.72 2.49
CA GLY A 163 -14.43 10.49 1.10
C GLY A 163 -15.10 9.13 0.89
N ASP A 164 -15.63 8.95 -0.31
CA ASP A 164 -16.25 7.67 -0.74
C ASP A 164 -15.25 6.52 -0.58
N SER A 165 -15.73 5.39 -0.06
CA SER A 165 -14.88 4.20 0.06
C SER A 165 -14.33 3.79 -1.30
N ARG A 166 -15.10 4.02 -2.36
CA ARG A 166 -14.64 3.74 -3.72
C ARG A 166 -13.33 4.44 -4.10
N TYR A 167 -13.07 5.61 -3.54
CA TYR A 167 -11.84 6.34 -3.84
C TYR A 167 -10.61 5.53 -3.45
N PHE A 168 -10.60 4.99 -2.24
CA PHE A 168 -9.46 4.18 -1.79
C PHE A 168 -9.34 2.81 -2.46
N LEU A 169 -10.42 2.33 -3.08
CA LEU A 169 -10.36 1.08 -3.82
C LEU A 169 -9.59 1.18 -5.13
N TRP A 170 -9.46 2.39 -5.68
CA TRP A 170 -8.87 2.58 -7.01
C TRP A 170 -7.48 1.99 -7.22
N PRO A 171 -6.50 2.29 -6.34
CA PRO A 171 -5.18 1.67 -6.57
C PRO A 171 -5.19 0.13 -6.51
N LEU A 172 -6.10 -0.45 -5.73
CA LEU A 172 -6.17 -1.91 -5.57
C LEU A 172 -6.94 -2.57 -6.70
N GLN A 173 -8.18 -2.12 -6.90
CA GLN A 173 -9.06 -2.74 -7.92
C GLN A 173 -8.57 -2.42 -9.33
N HIS A 174 -8.25 -1.15 -9.59
CA HIS A 174 -7.84 -0.75 -10.94
C HIS A 174 -6.33 -0.87 -11.17
N GLY A 175 -5.56 -0.19 -10.33
CA GLY A 175 -4.12 -0.13 -10.50
C GLY A 175 -3.40 -1.48 -10.37
N THR A 176 -4.00 -2.42 -9.63
CA THR A 176 -3.41 -3.74 -9.38
C THR A 176 -4.21 -4.86 -10.06
N LEU A 177 -5.44 -5.09 -9.60
CA LEU A 177 -6.21 -6.25 -10.04
C LEU A 177 -6.61 -6.16 -11.53
N HIS A 178 -7.28 -5.07 -11.90
CA HIS A 178 -7.62 -4.85 -13.32
C HIS A 178 -6.34 -4.83 -14.17
N PHE A 179 -5.29 -4.20 -13.65
CA PHE A 179 -4.05 -4.11 -14.42
C PHE A 179 -3.52 -5.47 -14.85
N CYS A 180 -3.63 -6.45 -13.96
CA CYS A 180 -3.19 -7.82 -14.21
C CYS A 180 -4.19 -8.68 -15.00
N GLY A 181 -5.31 -8.09 -15.40
CA GLY A 181 -6.34 -8.76 -16.15
C GLY A 181 -7.51 -9.36 -15.37
N PHE A 182 -7.49 -9.24 -14.07
CA PHE A 182 -8.59 -9.76 -13.28
C PHE A 182 -9.86 -9.01 -13.62
N LYS A 183 -10.98 -9.69 -13.44
CA LYS A 183 -12.28 -9.09 -13.57
C LYS A 183 -12.56 -8.92 -12.09
N VAL A 184 -13.02 -7.75 -11.70
CA VAL A 184 -13.23 -7.49 -10.29
C VAL A 184 -14.66 -7.58 -9.83
N LEU A 185 -14.91 -8.44 -8.86
CA LEU A 185 -16.23 -8.51 -8.27
C LEU A 185 -16.35 -7.36 -7.29
N ALA A 186 -17.58 -6.94 -7.02
CA ALA A 186 -17.82 -5.85 -6.08
C ALA A 186 -17.16 -6.13 -4.71
N PRO A 187 -16.60 -5.10 -4.09
CA PRO A 187 -15.92 -5.30 -2.81
C PRO A 187 -16.90 -5.70 -1.73
N GLN A 188 -16.42 -6.50 -0.78
CA GLN A 188 -17.17 -6.79 0.41
C GLN A 188 -16.56 -5.92 1.51
N ILE A 189 -17.25 -4.83 1.85
CA ILE A 189 -16.75 -3.93 2.89
C ILE A 189 -17.53 -4.16 4.18
N SER A 190 -16.81 -4.59 5.21
CA SER A 190 -17.40 -4.83 6.51
C SER A 190 -17.00 -3.64 7.37
N PHE A 191 -17.94 -2.71 7.53
CA PHE A 191 -17.63 -1.42 8.16
C PHE A 191 -17.57 -1.54 9.67
N ALA A 192 -16.50 -1.01 10.25
CA ALA A 192 -16.41 -0.74 11.70
C ALA A 192 -16.87 -1.87 12.62
N PRO A 193 -16.33 -3.10 12.42
CA PRO A 193 -16.70 -4.18 13.34
C PRO A 193 -16.34 -3.94 14.81
N GLU A 194 -15.28 -3.18 15.08
CA GLU A 194 -14.89 -2.88 16.46
C GLU A 194 -15.92 -2.01 17.16
N ILE A 195 -16.55 -1.12 16.41
CA ILE A 195 -17.58 -0.19 16.90
C ILE A 195 -18.97 -0.83 16.89
N ALA A 196 -19.22 -1.69 15.90
CA ALA A 196 -20.54 -2.31 15.70
C ALA A 196 -20.95 -3.18 16.88
N SER A 197 -22.25 -3.36 17.05
CA SER A 197 -22.77 -4.26 18.09
C SER A 197 -22.48 -5.70 17.69
N GLU A 198 -22.46 -6.58 18.67
CA GLU A 198 -22.37 -8.03 18.46
C GLU A 198 -23.30 -8.51 17.35
N GLU A 199 -24.57 -8.09 17.40
CA GLU A 199 -25.56 -8.57 16.44
CA GLU A 199 -25.56 -8.58 16.45
C GLU A 199 -25.31 -7.99 15.06
N GLU A 200 -24.84 -6.75 15.00
CA GLU A 200 -24.41 -6.18 13.72
C GLU A 200 -23.27 -6.97 13.11
N ARG A 201 -22.30 -7.35 13.93
CA ARG A 201 -21.16 -8.15 13.46
CA ARG A 201 -21.16 -8.15 13.46
C ARG A 201 -21.63 -9.49 12.91
N LYS A 202 -22.57 -10.12 13.61
CA LYS A 202 -23.16 -11.37 13.17
C LYS A 202 -23.84 -11.22 11.81
N GLY A 203 -24.58 -10.12 11.64
CA GLY A 203 -25.17 -9.77 10.37
C GLY A 203 -24.16 -9.64 9.23
N MET A 204 -23.02 -9.01 9.52
CA MET A 204 -21.95 -8.85 8.52
C MET A 204 -21.31 -10.20 8.15
N VAL A 205 -21.17 -11.08 9.13
CA VAL A 205 -20.65 -12.43 8.84
C VAL A 205 -21.67 -13.20 7.99
N ALA A 206 -22.93 -13.15 8.39
CA ALA A 206 -24.02 -13.82 7.67
C ALA A 206 -24.18 -13.31 6.25
N ALA A 207 -23.99 -11.99 6.04
CA ALA A 207 -24.09 -11.42 4.68
C ALA A 207 -22.97 -11.91 3.78
N TRP A 208 -21.75 -12.04 4.33
CA TRP A 208 -20.62 -12.58 3.57
C TRP A 208 -20.83 -14.05 3.22
N SER A 209 -21.29 -14.82 4.21
CA SER A 209 -21.62 -16.23 3.99
C SER A 209 -22.67 -16.38 2.89
N GLN A 210 -23.73 -15.58 2.99
CA GLN A 210 -24.80 -15.56 2.00
C GLN A 210 -24.27 -15.22 0.61
N ARG A 211 -23.50 -14.15 0.50
CA ARG A 211 -22.91 -13.75 -0.77
C ARG A 211 -22.11 -14.87 -1.42
N LEU A 212 -21.31 -15.57 -0.62
CA LEU A 212 -20.44 -16.62 -1.15
C LEU A 212 -21.22 -17.77 -1.80
N GLN A 213 -22.44 -18.00 -1.32
CA GLN A 213 -23.33 -19.00 -1.91
C GLN A 213 -23.57 -18.79 -3.39
N THR A 214 -23.69 -17.53 -3.82
CA THR A 214 -23.96 -17.21 -5.23
C THR A 214 -22.81 -16.47 -5.92
N ILE A 215 -21.60 -16.63 -5.39
CA ILE A 215 -20.44 -15.84 -5.86
C ILE A 215 -20.13 -16.09 -7.34
N TRP A 216 -20.38 -17.32 -7.79
CA TRP A 216 -20.11 -17.73 -9.16
C TRP A 216 -21.16 -17.22 -10.16
N LYS A 217 -22.26 -16.67 -9.67
CA LYS A 217 -23.32 -16.10 -10.50
C LYS A 217 -23.20 -14.58 -10.68
N GLU A 218 -22.21 -13.94 -10.03
CA GLU A 218 -22.08 -12.48 -10.06
C GLU A 218 -21.46 -11.93 -11.35
N GLU A 219 -21.92 -10.74 -11.74
CA GLU A 219 -21.29 -9.96 -12.79
C GLU A 219 -20.16 -9.16 -12.13
N PRO A 220 -18.99 -9.05 -12.77
CA PRO A 220 -17.97 -8.13 -12.24
C PRO A 220 -18.38 -6.66 -12.38
N ILE A 221 -17.69 -5.77 -11.65
CA ILE A 221 -17.95 -4.34 -11.78
C ILE A 221 -17.32 -3.80 -13.06
N PRO A 222 -17.83 -2.67 -13.57
CA PRO A 222 -17.09 -1.97 -14.61
C PRO A 222 -15.96 -1.21 -13.92
N CYS A 223 -14.72 -1.69 -14.06
CA CYS A 223 -13.61 -1.15 -13.26
C CYS A 223 -13.04 0.05 -13.98
N THR A 224 -13.77 1.14 -13.87
CA THR A 224 -13.48 2.35 -14.60
C THR A 224 -13.25 3.47 -13.62
N ALA A 225 -12.60 4.53 -14.09
CA ALA A 225 -12.51 5.77 -13.33
C ALA A 225 -13.90 6.25 -12.90
N HIS A 226 -14.87 6.15 -13.82
CA HIS A 226 -16.25 6.57 -13.51
C HIS A 226 -16.87 5.78 -12.37
N TRP A 227 -16.65 4.46 -12.33
CA TRP A 227 -17.18 3.67 -11.21
C TRP A 227 -16.62 4.15 -9.87
N HIS A 228 -15.34 4.48 -9.86
CA HIS A 228 -14.66 4.84 -8.62
C HIS A 228 -14.93 6.26 -8.17
N PHE A 229 -15.01 7.20 -9.12
CA PHE A 229 -15.01 8.64 -8.80
C PHE A 229 -16.24 9.42 -9.32
N GLY A 230 -17.10 8.80 -10.13
CA GLY A 230 -18.13 9.53 -10.88
C GLY A 230 -19.31 9.99 -10.04
N GLY B 3 16.71 27.59 11.15
CA GLY B 3 17.34 26.24 11.01
C GLY B 3 16.35 25.11 10.86
N LYS B 4 16.06 24.73 9.61
CA LYS B 4 15.04 23.71 9.30
C LYS B 4 15.60 22.28 9.24
N LYS B 5 14.79 21.35 9.74
CA LYS B 5 15.15 19.93 9.83
C LYS B 5 14.32 19.16 8.82
N VAL B 6 14.99 18.36 8.00
CA VAL B 6 14.35 17.56 6.95
C VAL B 6 14.62 16.07 7.20
N LEU B 7 13.58 15.25 7.13
CA LEU B 7 13.71 13.80 7.13
C LEU B 7 13.34 13.33 5.75
N ILE B 8 14.23 12.56 5.11
CA ILE B 8 13.90 11.91 3.85
C ILE B 8 13.70 10.42 4.10
N VAL B 9 12.48 9.94 3.87
CA VAL B 9 12.18 8.53 3.98
C VAL B 9 12.29 7.99 2.56
N TYR B 10 13.29 7.13 2.34
CA TYR B 10 13.77 6.73 1.03
C TYR B 10 13.60 5.21 0.86
N ALA B 11 12.97 4.81 -0.24
CA ALA B 11 12.64 3.40 -0.48
C ALA B 11 13.07 2.99 -1.90
N HIS B 12 14.35 2.74 -2.05
CA HIS B 12 14.88 2.19 -3.29
C HIS B 12 16.09 1.31 -2.97
N GLN B 13 16.15 0.17 -3.64
CA GLN B 13 17.22 -0.80 -3.46
C GLN B 13 18.61 -0.41 -3.95
N GLU B 14 18.67 0.42 -4.98
CA GLU B 14 19.91 0.79 -5.65
C GLU B 14 20.31 2.27 -5.56
N PRO B 15 21.49 2.57 -5.01
CA PRO B 15 21.89 3.98 -4.90
C PRO B 15 22.09 4.69 -6.23
N LYS B 16 22.50 3.96 -7.27
CA LYS B 16 22.70 4.50 -8.63
C LYS B 16 21.42 4.66 -9.45
N SER B 17 20.27 4.27 -8.89
CA SER B 17 19.00 4.47 -9.53
C SER B 17 18.64 5.94 -9.68
N PHE B 18 17.60 6.17 -10.47
CA PHE B 18 17.02 7.48 -10.62
C PHE B 18 16.47 7.99 -9.28
N ASN B 19 15.80 7.12 -8.53
CA ASN B 19 15.41 7.47 -7.15
C ASN B 19 16.62 7.86 -6.29
N GLY B 20 17.70 7.09 -6.41
CA GLY B 20 18.95 7.34 -5.69
C GLY B 20 19.51 8.71 -6.02
N SER B 21 19.48 9.06 -7.29
CA SER B 21 19.85 10.40 -7.75
C SER B 21 18.95 11.50 -7.20
N LEU B 22 17.64 11.28 -7.18
CA LEU B 22 16.72 12.25 -6.60
C LEU B 22 16.93 12.43 -5.09
N LYS B 23 17.22 11.32 -4.40
CA LYS B 23 17.53 11.40 -2.96
C LYS B 23 18.81 12.21 -2.73
N ASN B 24 19.84 11.89 -3.50
CA ASN B 24 21.14 12.56 -3.40
C ASN B 24 21.09 14.04 -3.71
N VAL B 25 20.32 14.41 -4.73
CA VAL B 25 20.13 15.81 -5.10
C VAL B 25 19.40 16.57 -3.99
N ALA B 26 18.47 15.91 -3.32
CA ALA B 26 17.76 16.52 -2.20
C ALA B 26 18.71 16.71 -1.01
N VAL B 27 19.51 15.69 -0.71
CA VAL B 27 20.48 15.81 0.39
C VAL B 27 21.45 16.96 0.11
N ASP B 28 22.00 16.99 -1.11
CA ASP B 28 22.98 18.01 -1.50
C ASP B 28 22.41 19.41 -1.38
N GLU B 29 21.26 19.65 -2.01
CA GLU B 29 20.67 21.00 -2.04
C GLU B 29 20.27 21.48 -0.65
N LEU B 30 19.62 20.61 0.12
CA LEU B 30 19.21 20.96 1.46
C LEU B 30 20.42 21.12 2.40
N SER B 31 21.47 20.31 2.17
CA SER B 31 22.73 20.44 2.92
C SER B 31 23.40 21.76 2.58
N ARG B 32 23.45 22.13 1.29
CA ARG B 32 24.01 23.43 0.87
C ARG B 32 23.28 24.62 1.49
N GLN B 33 21.97 24.53 1.59
CA GLN B 33 21.18 25.56 2.28
C GLN B 33 21.46 25.72 3.77
N GLY B 34 22.10 24.74 4.39
CA GLY B 34 22.34 24.75 5.82
C GLY B 34 21.30 23.99 6.63
N CYS B 35 20.39 23.28 5.97
CA CYS B 35 19.39 22.48 6.66
C CYS B 35 20.03 21.28 7.36
N THR B 36 19.36 20.79 8.38
CA THR B 36 19.71 19.57 9.07
C THR B 36 18.96 18.45 8.35
N VAL B 37 19.69 17.45 7.85
CA VAL B 37 19.12 16.43 6.98
C VAL B 37 19.40 15.03 7.51
N THR B 38 18.35 14.22 7.57
CA THR B 38 18.44 12.83 7.97
C THR B 38 17.72 12.00 6.88
N VAL B 39 18.31 10.87 6.53
CA VAL B 39 17.74 9.96 5.54
C VAL B 39 17.50 8.62 6.24
N SER B 40 16.24 8.16 6.23
CA SER B 40 15.91 6.77 6.61
C SER B 40 15.88 5.97 5.31
N ASP B 41 16.99 5.28 5.04
CA ASP B 41 17.16 4.42 3.87
C ASP B 41 16.61 3.04 4.22
N LEU B 42 15.34 2.83 3.91
CA LEU B 42 14.61 1.69 4.45
C LEU B 42 15.20 0.33 4.07
N TYR B 43 15.56 0.16 2.80
CA TYR B 43 16.16 -1.12 2.39
C TYR B 43 17.51 -1.37 3.06
N ALA B 44 18.34 -0.33 3.20
CA ALA B 44 19.64 -0.48 3.85
C ALA B 44 19.46 -0.79 5.33
N MET B 45 18.42 -0.22 5.94
CA MET B 45 18.05 -0.50 7.32
C MET B 45 17.45 -1.89 7.48
N ASN B 46 17.06 -2.54 6.36
CA ASN B 46 16.22 -3.73 6.35
C ASN B 46 15.00 -3.55 7.27
N LEU B 47 14.31 -2.41 7.12
CA LEU B 47 13.20 -2.07 8.01
C LEU B 47 12.17 -3.19 7.99
N GLU B 48 11.74 -3.59 9.18
CA GLU B 48 10.66 -4.55 9.37
C GLU B 48 9.35 -3.92 8.83
N PRO B 49 8.72 -4.53 7.82
CA PRO B 49 7.45 -3.95 7.35
C PRO B 49 6.21 -4.53 8.01
N ARG B 50 6.31 -5.70 8.64
CA ARG B 50 5.12 -6.40 9.11
C ARG B 50 4.67 -5.83 10.46
N ALA B 51 3.37 -5.60 10.59
CA ALA B 51 2.76 -5.21 11.85
C ALA B 51 2.53 -6.46 12.70
N THR B 52 3.42 -6.71 13.67
CA THR B 52 3.28 -7.88 14.53
C THR B 52 3.42 -7.52 16.00
N ASP B 53 3.06 -8.47 16.85
CA ASP B 53 3.20 -8.33 18.30
C ASP B 53 4.62 -8.07 18.80
N LYS B 54 5.63 -8.35 17.98
CA LYS B 54 7.01 -7.99 18.30
C LYS B 54 7.24 -6.48 18.43
N ASP B 55 6.32 -5.69 17.88
CA ASP B 55 6.39 -4.24 17.96
C ASP B 55 6.07 -3.67 19.33
N ILE B 56 5.51 -4.49 20.23
CA ILE B 56 5.29 -4.10 21.63
C ILE B 56 6.29 -4.87 22.50
N THR B 57 7.04 -4.13 23.31
CA THR B 57 8.00 -4.68 24.27
C THR B 57 7.46 -4.81 25.72
N GLY B 58 6.25 -4.31 26.01
CA GLY B 58 5.61 -4.48 27.33
C GLY B 58 4.53 -5.56 27.44
N THR B 59 3.79 -5.55 28.56
CA THR B 59 2.69 -6.51 28.78
C THR B 59 1.53 -6.07 27.91
N LEU B 60 0.95 -7.00 27.17
CA LEU B 60 -0.15 -6.70 26.26
C LEU B 60 -1.43 -6.42 27.05
N SER B 61 -2.16 -5.40 26.61
CA SER B 61 -3.50 -5.07 27.10
C SER B 61 -4.42 -6.30 27.17
N ASN B 62 -4.41 -7.08 26.09
CA ASN B 62 -5.12 -8.37 26.00
C ASN B 62 -4.22 -9.36 25.23
N PRO B 63 -3.50 -10.24 25.95
CA PRO B 63 -2.61 -11.19 25.26
C PRO B 63 -3.32 -12.42 24.67
N GLU B 64 -4.62 -12.56 24.94
CA GLU B 64 -5.43 -13.68 24.41
C GLU B 64 -5.86 -13.42 22.96
N VAL B 65 -6.29 -12.18 22.70
CA VAL B 65 -6.72 -11.75 21.38
C VAL B 65 -5.93 -10.50 21.02
N PHE B 66 -5.00 -10.65 20.08
CA PHE B 66 -4.13 -9.56 19.64
C PHE B 66 -4.76 -8.63 18.60
N ASN B 67 -4.88 -7.36 18.99
CA ASN B 67 -5.38 -6.28 18.12
C ASN B 67 -4.24 -5.27 17.97
N TYR B 68 -3.62 -5.23 16.78
CA TYR B 68 -2.43 -4.41 16.54
C TYR B 68 -2.63 -2.94 16.86
N GLY B 69 -3.74 -2.36 16.40
CA GLY B 69 -4.05 -0.95 16.67
C GLY B 69 -4.16 -0.63 18.16
N VAL B 70 -4.94 -1.44 18.86
CA VAL B 70 -5.14 -1.29 20.32
C VAL B 70 -3.81 -1.40 21.09
N GLU B 71 -3.05 -2.45 20.79
CA GLU B 71 -1.81 -2.73 21.55
C GLU B 71 -0.70 -1.74 21.28
N THR B 72 -0.57 -1.27 20.03
CA THR B 72 0.44 -0.26 19.71
C THR B 72 0.08 1.08 20.33
N HIS B 73 -1.21 1.43 20.33
CA HIS B 73 -1.65 2.65 20.98
C HIS B 73 -1.26 2.63 22.46
N GLU B 74 -1.66 1.56 23.16
CA GLU B 74 -1.31 1.39 24.56
C GLU B 74 0.23 1.38 24.75
N ALA B 75 0.95 0.67 23.88
CA ALA B 75 2.42 0.63 23.95
C ALA B 75 3.05 2.00 23.80
N TYR B 76 2.54 2.80 22.85
CA TYR B 76 3.03 4.15 22.68
C TYR B 76 2.90 4.94 23.98
N LYS B 77 1.74 4.86 24.61
CA LYS B 77 1.49 5.58 25.87
C LYS B 77 2.39 5.06 26.99
N GLN B 78 2.68 3.76 27.00
CA GLN B 78 3.55 3.15 28.00
C GLN B 78 5.03 3.14 27.61
N ARG B 79 5.39 3.88 26.56
CA ARG B 79 6.77 3.98 26.09
C ARG B 79 7.40 2.61 25.86
N SER B 80 6.64 1.72 25.26
CA SER B 80 7.04 0.33 25.11
C SER B 80 6.91 -0.18 23.67
N LEU B 81 7.18 0.69 22.69
CA LEU B 81 7.25 0.25 21.30
C LEU B 81 8.66 -0.19 20.96
N ALA B 82 8.80 -1.01 19.94
CA ALA B 82 10.12 -1.45 19.47
C ALA B 82 10.98 -0.25 19.16
N SER B 83 12.29 -0.40 19.33
CA SER B 83 13.20 0.72 19.19
C SER B 83 13.28 1.22 17.76
N ASP B 84 13.09 0.35 16.75
CA ASP B 84 13.07 0.82 15.37
C ASP B 84 11.95 1.83 15.15
N ILE B 85 10.77 1.55 15.70
CA ILE B 85 9.63 2.47 15.64
C ILE B 85 9.93 3.77 16.40
N THR B 86 10.37 3.62 17.64
CA THR B 86 10.74 4.74 18.49
C THR B 86 11.77 5.67 17.82
N ASP B 87 12.76 5.09 17.16
CA ASP B 87 13.79 5.88 16.46
C ASP B 87 13.22 6.65 15.27
N GLU B 88 12.34 6.02 14.48
CA GLU B 88 11.67 6.73 13.40
C GLU B 88 10.79 7.86 13.91
N GLN B 89 10.08 7.61 15.00
CA GLN B 89 9.19 8.64 15.56
C GLN B 89 9.97 9.86 16.04
N LYS B 90 11.14 9.62 16.65
CA LYS B 90 12.01 10.72 17.05
C LYS B 90 12.40 11.58 15.84
N LYS B 91 12.76 10.93 14.72
CA LYS B 91 13.15 11.65 13.50
C LYS B 91 12.00 12.49 12.93
N VAL B 92 10.79 11.91 12.94
CA VAL B 92 9.59 12.60 12.49
C VAL B 92 9.28 13.78 13.43
N ARG B 93 9.35 13.53 14.73
CA ARG B 93 9.06 14.55 15.73
C ARG B 93 9.95 15.78 15.56
N GLU B 94 11.22 15.57 15.23
CA GLU B 94 12.19 16.65 15.00
C GLU B 94 12.06 17.35 13.65
N ALA B 95 11.51 16.66 12.66
CA ALA B 95 11.47 17.16 11.29
C ALA B 95 10.41 18.26 11.11
N ASP B 96 10.80 19.28 10.36
CA ASP B 96 9.88 20.31 9.88
C ASP B 96 9.26 19.90 8.55
N LEU B 97 10.04 19.19 7.73
CA LEU B 97 9.59 18.65 6.45
C LEU B 97 9.95 17.17 6.38
N VAL B 98 9.00 16.34 5.96
CA VAL B 98 9.29 14.93 5.69
C VAL B 98 9.05 14.69 4.20
N ILE B 99 10.10 14.30 3.48
CA ILE B 99 10.04 13.99 2.06
C ILE B 99 10.03 12.47 1.90
N PHE B 100 9.09 11.94 1.13
CA PHE B 100 9.09 10.51 0.82
C PHE B 100 9.59 10.35 -0.61
N GLN B 101 10.67 9.61 -0.79
CA GLN B 101 11.26 9.35 -2.11
C GLN B 101 11.10 7.89 -2.48
N PHE B 102 10.33 7.59 -3.52
CA PHE B 102 10.04 6.20 -3.85
C PHE B 102 9.56 6.00 -5.28
N PRO B 103 9.82 4.82 -5.84
CA PRO B 103 9.14 4.44 -7.06
C PRO B 103 7.69 3.99 -6.76
N LEU B 104 6.77 4.37 -7.62
CA LEU B 104 5.38 3.90 -7.52
C LEU B 104 5.33 2.38 -7.75
N TYR B 105 4.80 1.65 -6.77
CA TYR B 105 4.56 0.21 -6.85
C TYR B 105 3.08 -0.01 -6.72
N TRP B 106 2.44 -0.50 -7.77
CA TRP B 106 1.00 -0.79 -7.74
C TRP B 106 0.18 0.39 -7.26
N PHE B 107 0.40 1.55 -7.90
CA PHE B 107 -0.32 2.80 -7.64
C PHE B 107 -0.15 3.25 -6.18
N SER B 108 0.93 2.84 -5.52
CA SER B 108 1.12 3.14 -4.11
C SER B 108 2.61 3.08 -3.77
N VAL B 109 2.92 3.01 -2.49
CA VAL B 109 4.29 2.94 -2.02
C VAL B 109 4.78 1.50 -2.05
N PRO B 110 6.09 1.29 -2.25
CA PRO B 110 6.63 -0.06 -2.04
C PRO B 110 6.30 -0.56 -0.63
N ALA B 111 6.09 -1.87 -0.48
CA ALA B 111 5.69 -2.48 0.79
C ALA B 111 6.59 -2.07 1.98
N ILE B 112 7.90 -1.95 1.77
CA ILE B 112 8.79 -1.56 2.87
C ILE B 112 8.42 -0.17 3.40
N LEU B 113 8.02 0.73 2.50
CA LEU B 113 7.55 2.06 2.90
C LEU B 113 6.14 2.01 3.47
N LYS B 114 5.27 1.16 2.92
CA LYS B 114 3.98 0.94 3.57
C LYS B 114 4.14 0.48 5.03
N GLY B 115 5.11 -0.38 5.29
CA GLY B 115 5.38 -0.85 6.63
C GLY B 115 5.86 0.25 7.55
N TRP B 116 6.67 1.17 7.03
CA TRP B 116 7.07 2.37 7.77
C TRP B 116 5.81 3.13 8.21
N MET B 117 4.91 3.37 7.26
CA MET B 117 3.67 4.08 7.55
CA MET B 117 3.66 4.08 7.53
C MET B 117 2.84 3.34 8.59
N ASP B 118 2.63 2.04 8.36
CA ASP B 118 1.83 1.22 9.26
C ASP B 118 2.34 1.21 10.70
N ARG B 119 3.65 1.11 10.86
CA ARG B 119 4.28 0.86 12.15
C ARG B 119 4.69 2.15 12.88
N VAL B 120 5.09 3.17 12.14
CA VAL B 120 5.58 4.42 12.73
C VAL B 120 4.45 5.35 13.12
N LEU B 121 3.41 5.43 12.29
CA LEU B 121 2.35 6.40 12.49
C LEU B 121 1.25 5.83 13.36
N CYS B 122 1.59 5.48 14.60
CA CYS B 122 0.66 4.78 15.46
C CYS B 122 -0.24 5.78 16.17
N GLN B 123 -1.37 5.28 16.68
CA GLN B 123 -2.29 6.11 17.44
C GLN B 123 -1.58 6.58 18.70
N GLY B 124 -1.83 7.84 19.07
CA GLY B 124 -1.12 8.48 20.19
C GLY B 124 0.10 9.27 19.73
N PHE B 125 0.77 8.79 18.68
CA PHE B 125 1.90 9.52 18.10
C PHE B 125 1.45 10.42 16.96
N ALA B 126 0.84 9.83 15.93
CA ALA B 126 0.53 10.57 14.70
C ALA B 126 -0.90 11.09 14.66
N PHE B 127 -1.81 10.42 15.35
CA PHE B 127 -3.19 10.84 15.43
C PHE B 127 -3.83 10.28 16.70
N ASP B 128 -4.97 10.83 17.06
CA ASP B 128 -5.86 10.23 18.02
C ASP B 128 -7.28 10.34 17.50
N ILE B 129 -8.23 9.75 18.23
CA ILE B 129 -9.64 9.79 17.86
C ILE B 129 -10.39 10.30 19.10
N PRO B 130 -10.76 11.58 19.16
CA PRO B 130 -10.54 12.57 18.10
C PRO B 130 -9.09 13.03 18.00
N GLY B 131 -8.73 13.73 16.93
CA GLY B 131 -7.37 14.17 16.75
C GLY B 131 -6.79 13.77 15.41
N PHE B 132 -7.57 13.96 14.35
CA PHE B 132 -7.19 13.58 12.99
C PHE B 132 -7.49 14.67 11.95
N TYR B 133 -7.01 14.47 10.74
CA TYR B 133 -7.00 15.48 9.68
C TYR B 133 -6.42 16.79 10.21
N ASP B 134 -7.16 17.90 10.20
CA ASP B 134 -6.58 19.18 10.66
C ASP B 134 -6.18 19.18 12.14
N SER B 135 -6.79 18.28 12.93
CA SER B 135 -6.42 18.09 14.34
C SER B 135 -5.44 16.92 14.56
N GLY B 136 -4.81 16.41 13.50
CA GLY B 136 -3.84 15.32 13.65
C GLY B 136 -2.64 15.76 14.47
N LEU B 137 -1.92 14.82 15.04
CA LEU B 137 -0.89 15.18 16.02
C LEU B 137 0.40 15.67 15.39
N LEU B 138 0.56 15.51 14.08
CA LEU B 138 1.73 16.03 13.38
C LEU B 138 1.44 17.36 12.68
N GLN B 139 0.42 18.08 13.12
CA GLN B 139 0.14 19.42 12.66
C GLN B 139 1.35 20.31 12.87
N GLY B 140 1.51 21.27 11.97
CA GLY B 140 2.69 22.11 11.95
C GLY B 140 3.84 21.55 11.11
N LYS B 141 3.77 20.29 10.68
CA LYS B 141 4.79 19.70 9.81
C LYS B 141 4.35 19.67 8.37
N LEU B 142 5.33 19.62 7.48
CA LEU B 142 5.09 19.49 6.05
C LEU B 142 5.51 18.12 5.59
N ALA B 143 4.78 17.60 4.59
CA ALA B 143 5.16 16.35 3.92
C ALA B 143 5.08 16.53 2.43
N LEU B 144 5.90 15.78 1.70
CA LEU B 144 6.02 15.89 0.25
C LEU B 144 6.33 14.53 -0.34
N LEU B 145 5.51 14.08 -1.30
CA LEU B 145 5.76 12.84 -2.00
C LEU B 145 6.55 13.11 -3.27
N SER B 146 7.72 12.48 -3.38
CA SER B 146 8.55 12.54 -4.56
C SER B 146 8.53 11.16 -5.16
N VAL B 147 7.72 11.01 -6.21
CA VAL B 147 7.33 9.71 -6.77
CA VAL B 147 7.38 9.70 -6.74
C VAL B 147 7.88 9.58 -8.18
N THR B 148 8.41 8.41 -8.51
CA THR B 148 8.80 8.10 -9.87
C THR B 148 7.86 7.00 -10.38
N THR B 149 7.61 6.99 -11.68
CA THR B 149 6.66 6.06 -12.30
C THR B 149 7.25 5.30 -13.47
N GLY B 150 6.68 4.14 -13.78
CA GLY B 150 6.92 3.48 -15.06
C GLY B 150 6.09 4.13 -16.15
N GLY B 151 4.85 4.49 -15.82
CA GLY B 151 3.94 5.11 -16.78
C GLY B 151 4.30 6.54 -17.12
N THR B 152 4.00 6.93 -18.37
CA THR B 152 4.22 8.30 -18.83
C THR B 152 3.13 9.20 -18.31
N ALA B 153 3.37 10.50 -18.40
CA ALA B 153 2.40 11.51 -17.99
C ALA B 153 1.07 11.36 -18.72
N GLU B 154 1.13 11.09 -20.03
CA GLU B 154 -0.07 10.88 -20.85
C GLU B 154 -0.92 9.73 -20.31
N MET B 155 -0.25 8.65 -19.86
CA MET B 155 -0.96 7.53 -19.25
C MET B 155 -1.66 7.92 -17.96
N TYR B 156 -1.10 8.86 -17.22
CA TYR B 156 -1.71 9.38 -15.99
C TYR B 156 -2.58 10.63 -16.19
N THR B 157 -3.49 10.56 -17.16
CA THR B 157 -4.50 11.61 -17.39
C THR B 157 -5.85 10.94 -17.31
N LYS B 158 -6.90 11.73 -17.11
CA LYS B 158 -8.29 11.21 -17.03
C LYS B 158 -8.69 10.29 -18.19
N THR B 159 -8.16 10.55 -19.38
CA THR B 159 -8.41 9.75 -20.59
C THR B 159 -7.34 8.69 -20.91
N GLY B 160 -6.22 8.72 -20.18
CA GLY B 160 -5.18 7.69 -20.31
C GLY B 160 -5.56 6.43 -19.57
N VAL B 161 -4.87 5.34 -19.84
CA VAL B 161 -5.21 4.04 -19.25
C VAL B 161 -5.13 3.99 -17.72
N ASN B 162 -4.27 4.81 -17.12
CA ASN B 162 -4.07 4.80 -15.66
C ASN B 162 -4.91 5.80 -14.88
N GLY B 163 -5.62 6.71 -15.56
CA GLY B 163 -6.38 7.77 -14.85
C GLY B 163 -5.46 8.86 -14.31
N ASP B 164 -6.05 9.95 -13.83
CA ASP B 164 -5.32 11.09 -13.25
C ASP B 164 -4.35 10.63 -12.14
N SER B 165 -3.13 11.14 -12.13
CA SER B 165 -2.18 10.85 -11.03
C SER B 165 -2.76 11.19 -9.65
N ARG B 166 -3.59 12.24 -9.57
CA ARG B 166 -4.23 12.62 -8.30
C ARG B 166 -5.09 11.52 -7.68
N TYR B 167 -5.63 10.62 -8.53
CA TYR B 167 -6.37 9.47 -8.04
C TYR B 167 -5.53 8.54 -7.16
N PHE B 168 -4.29 8.26 -7.55
CA PHE B 168 -3.43 7.42 -6.69
C PHE B 168 -2.83 8.18 -5.49
N LEU B 169 -2.77 9.51 -5.57
CA LEU B 169 -2.25 10.32 -4.47
C LEU B 169 -3.17 10.33 -3.25
N TRP B 170 -4.48 10.19 -3.47
CA TRP B 170 -5.48 10.34 -2.39
C TRP B 170 -5.21 9.50 -1.12
N PRO B 171 -4.98 8.18 -1.26
CA PRO B 171 -4.72 7.40 -0.03
C PRO B 171 -3.48 7.83 0.76
N LEU B 172 -2.47 8.31 0.04
CA LEU B 172 -1.19 8.71 0.62
C LEU B 172 -1.25 10.14 1.18
N GLN B 173 -1.61 11.10 0.33
CA GLN B 173 -1.65 12.50 0.76
C GLN B 173 -2.79 12.75 1.75
N HIS B 174 -3.99 12.26 1.45
CA HIS B 174 -5.16 12.52 2.30
C HIS B 174 -5.32 11.47 3.39
N GLY B 175 -5.44 10.22 2.98
CA GLY B 175 -5.76 9.14 3.89
C GLY B 175 -4.69 8.87 4.94
N THR B 176 -3.44 9.20 4.62
CA THR B 176 -2.30 8.98 5.51
C THR B 176 -1.76 10.31 6.07
N LEU B 177 -1.19 11.15 5.19
CA LEU B 177 -0.45 12.33 5.64
C LEU B 177 -1.36 13.39 6.26
N HIS B 178 -2.40 13.79 5.55
CA HIS B 178 -3.38 14.74 6.11
C HIS B 178 -4.05 14.15 7.34
N PHE B 179 -4.40 12.88 7.31
CA PHE B 179 -5.02 12.26 8.49
C PHE B 179 -4.20 12.45 9.77
N CYS B 180 -2.88 12.38 9.65
CA CYS B 180 -1.96 12.63 10.78
C CYS B 180 -1.66 14.11 11.05
N GLY B 181 -2.31 14.99 10.32
CA GLY B 181 -2.14 16.42 10.50
C GLY B 181 -1.11 17.16 9.68
N PHE B 182 -0.40 16.45 8.82
CA PHE B 182 0.59 17.09 7.97
C PHE B 182 -0.08 18.03 6.98
N LYS B 183 0.65 19.06 6.60
CA LYS B 183 0.25 19.96 5.53
C LYS B 183 1.06 19.32 4.41
N VAL B 184 0.47 19.24 3.23
CA VAL B 184 1.05 18.50 2.13
C VAL B 184 1.53 19.46 1.05
N LEU B 185 2.83 19.43 0.73
CA LEU B 185 3.35 20.20 -0.39
C LEU B 185 3.02 19.46 -1.68
N ALA B 186 2.97 20.19 -2.79
CA ALA B 186 2.61 19.58 -4.07
C ALA B 186 3.57 18.44 -4.38
N PRO B 187 3.04 17.33 -4.93
CA PRO B 187 3.90 16.19 -5.20
C PRO B 187 4.91 16.49 -6.28
N GLN B 188 6.08 15.87 -6.17
CA GLN B 188 7.03 15.85 -7.26
C GLN B 188 6.87 14.53 -7.96
N ILE B 189 6.33 14.55 -9.16
CA ILE B 189 6.17 13.30 -9.91
C ILE B 189 7.12 13.33 -11.09
N SER B 190 8.04 12.38 -11.11
CA SER B 190 9.01 12.24 -12.17
C SER B 190 8.52 11.06 -13.03
N PHE B 191 7.86 11.38 -14.13
CA PHE B 191 7.27 10.35 -15.01
C PHE B 191 8.29 9.60 -15.86
N ALA B 192 8.23 8.28 -15.82
CA ALA B 192 8.87 7.38 -16.80
C ALA B 192 10.37 7.62 -17.09
N PRO B 193 11.22 7.69 -16.03
CA PRO B 193 12.65 7.86 -16.26
C PRO B 193 13.30 6.73 -17.07
N GLU B 194 12.82 5.50 -16.93
CA GLU B 194 13.38 4.36 -17.68
C GLU B 194 13.33 4.52 -19.19
N ILE B 195 12.29 5.15 -19.71
CA ILE B 195 12.11 5.34 -21.17
C ILE B 195 12.40 6.77 -21.63
N ALA B 196 12.54 7.71 -20.70
CA ALA B 196 13.01 9.07 -21.04
C ALA B 196 14.46 9.03 -21.52
N SER B 197 14.85 10.03 -22.30
CA SER B 197 16.23 10.15 -22.75
C SER B 197 17.14 10.61 -21.60
N GLU B 198 18.44 10.35 -21.76
CA GLU B 198 19.48 10.85 -20.85
C GLU B 198 19.27 12.34 -20.52
N GLU B 199 19.07 13.13 -21.56
CA GLU B 199 18.79 14.56 -21.46
C GLU B 199 17.57 14.85 -20.60
N GLU B 200 16.46 14.16 -20.90
CA GLU B 200 15.20 14.33 -20.17
C GLU B 200 15.30 13.91 -18.70
N ARG B 201 16.06 12.85 -18.43
CA ARG B 201 16.33 12.42 -17.07
C ARG B 201 17.08 13.49 -16.26
N LYS B 202 18.16 14.03 -16.84
CA LYS B 202 18.91 15.11 -16.18
C LYS B 202 18.02 16.31 -15.87
N GLY B 203 17.15 16.66 -16.80
CA GLY B 203 16.19 17.73 -16.62
C GLY B 203 15.25 17.51 -15.44
N MET B 204 14.77 16.27 -15.29
CA MET B 204 13.90 15.90 -14.17
C MET B 204 14.62 15.97 -12.82
N VAL B 205 15.89 15.53 -12.81
CA VAL B 205 16.72 15.64 -11.61
C VAL B 205 17.00 17.12 -11.29
N ALA B 206 17.37 17.88 -12.32
CA ALA B 206 17.61 19.32 -12.20
C ALA B 206 16.38 20.09 -11.73
N ALA B 207 15.22 19.71 -12.26
CA ALA B 207 13.92 20.32 -11.87
C ALA B 207 13.61 20.14 -10.38
N TRP B 208 13.94 18.96 -9.86
CA TRP B 208 13.79 18.66 -8.44
C TRP B 208 14.76 19.50 -7.61
N SER B 209 16.01 19.53 -8.05
CA SER B 209 17.03 20.34 -7.39
C SER B 209 16.62 21.81 -7.32
N GLN B 210 16.17 22.34 -8.47
CA GLN B 210 15.72 23.73 -8.56
C GLN B 210 14.52 24.04 -7.67
N ARG B 211 13.52 23.17 -7.66
CA ARG B 211 12.38 23.33 -6.77
C ARG B 211 12.80 23.42 -5.31
N LEU B 212 13.73 22.55 -4.91
CA LEU B 212 14.16 22.52 -3.52
C LEU B 212 14.84 23.83 -3.08
N GLN B 213 15.48 24.53 -4.01
CA GLN B 213 16.07 25.85 -3.69
C GLN B 213 15.06 26.78 -3.01
N THR B 214 13.79 26.72 -3.43
CA THR B 214 12.73 27.59 -2.87
C THR B 214 11.62 26.86 -2.11
N ILE B 215 11.90 25.66 -1.61
CA ILE B 215 10.87 24.80 -0.99
C ILE B 215 10.24 25.43 0.25
N TRP B 216 11.03 26.21 1.01
CA TRP B 216 10.55 26.80 2.26
C TRP B 216 9.59 27.97 2.05
N LYS B 217 9.50 28.46 0.82
CA LYS B 217 8.54 29.52 0.45
C LYS B 217 7.28 28.99 -0.23
N GLU B 218 7.15 27.67 -0.37
CA GLU B 218 5.92 27.09 -0.93
C GLU B 218 4.84 27.05 0.11
N GLU B 219 3.61 27.13 -0.36
CA GLU B 219 2.46 26.88 0.49
C GLU B 219 2.00 25.48 0.17
N PRO B 220 1.40 24.80 1.15
CA PRO B 220 0.88 23.46 0.88
C PRO B 220 -0.34 23.51 -0.04
N ILE B 221 -0.67 22.38 -0.65
CA ILE B 221 -1.93 22.26 -1.38
C ILE B 221 -3.05 22.22 -0.36
N PRO B 222 -4.29 22.51 -0.79
CA PRO B 222 -5.42 22.21 0.08
C PRO B 222 -5.72 20.74 -0.14
N CYS B 223 -5.54 19.92 0.90
CA CYS B 223 -5.61 18.46 0.72
C CYS B 223 -7.07 18.06 0.86
N THR B 224 -7.84 18.36 -0.18
CA THR B 224 -9.28 18.20 -0.21
C THR B 224 -9.67 17.23 -1.30
N ALA B 225 -10.86 16.68 -1.17
CA ALA B 225 -11.47 15.89 -2.24
C ALA B 225 -11.54 16.69 -3.54
N HIS B 226 -11.91 17.97 -3.41
CA HIS B 226 -12.01 18.89 -4.54
C HIS B 226 -10.66 18.99 -5.25
N TRP B 227 -9.58 19.16 -4.48
CA TRP B 227 -8.25 19.22 -5.09
C TRP B 227 -7.93 17.95 -5.86
N HIS B 228 -8.24 16.80 -5.27
CA HIS B 228 -7.85 15.53 -5.87
C HIS B 228 -8.75 15.13 -7.05
N PHE B 229 -10.04 15.41 -6.94
CA PHE B 229 -11.05 14.86 -7.88
C PHE B 229 -11.89 15.88 -8.69
N GLY B 230 -11.81 17.16 -8.37
CA GLY B 230 -12.59 18.18 -9.08
C GLY B 230 -14.06 18.16 -8.70
#